data_4FFK
#
_entry.id   4FFK
#
_cell.length_a   99.440
_cell.length_b   99.440
_cell.length_c   81.400
_cell.angle_alpha   90.00
_cell.angle_beta   90.00
_cell.angle_gamma   120.00
#
_symmetry.space_group_name_H-M   'P 64 2 2'
#
loop_
_entity.id
_entity.type
_entity.pdbx_description
1 polymer 'Superoxide dismutase'
2 non-polymer 'FE (III) ION'
3 water water
#
_entity_poly.entity_id   1
_entity_poly.type   'polypeptide(L)'
_entity_poly.pdbx_seq_one_letter_code
;MRGSHHHHHHGSVVSLKRYELPPLPYNYDALEPIISAETLRYHHDKHHLGYVNGANAALDKLEKYLNGQLTDIDVRAVSR
DFEFNYGGHILHTLYWLNMAPKGKGGGTPGGAIGDAINKFFGSFDKFKKLFGDAAKNVEGVGWAILAYDPVTGDLRILQV
EKHNNVVTTNLIPLLAVDVFEHAYYIDYRNDRAKYVDSWWDLINWDDVEARYQKALNTPKLIL
;
_entity_poly.pdbx_strand_id   A
#
loop_
_chem_comp.id
_chem_comp.type
_chem_comp.name
_chem_comp.formula
FE non-polymer 'FE (III) ION' 'Fe 3'
#
# COMPACT_ATOMS: atom_id res chain seq x y z
N SER A 12 5.43 -13.11 -30.48
CA SER A 12 5.20 -12.18 -31.62
C SER A 12 4.24 -11.06 -31.19
N VAL A 13 2.96 -11.37 -30.98
CA VAL A 13 1.97 -10.32 -30.59
C VAL A 13 1.86 -10.20 -29.07
N VAL A 14 2.17 -9.01 -28.56
CA VAL A 14 2.11 -8.78 -27.12
C VAL A 14 0.66 -8.58 -26.65
N SER A 15 0.26 -9.35 -25.64
CA SER A 15 -0.97 -9.03 -24.97
C SER A 15 -0.67 -8.92 -23.46
N LEU A 16 -0.61 -7.68 -22.97
CA LEU A 16 -0.21 -7.48 -21.59
C LEU A 16 -1.41 -7.72 -20.68
N LYS A 17 -1.14 -8.30 -19.51
CA LYS A 17 -2.19 -8.63 -18.56
C LYS A 17 -2.47 -7.34 -17.78
N ARG A 18 -3.72 -6.90 -17.86
CA ARG A 18 -4.11 -5.64 -17.22
C ARG A 18 -4.49 -5.88 -15.77
N TYR A 19 -4.71 -4.76 -15.05
CA TYR A 19 -5.01 -4.81 -13.62
C TYR A 19 -6.47 -4.72 -13.31
N GLU A 20 -6.88 -5.38 -12.24
CA GLU A 20 -8.30 -5.33 -11.88
C GLU A 20 -8.33 -4.73 -10.52
N LEU A 21 -9.43 -4.04 -10.26
CA LEU A 21 -9.70 -3.52 -8.95
C LEU A 21 -10.22 -4.65 -8.08
N PRO A 22 -9.44 -5.03 -7.07
CA PRO A 22 -9.90 -6.07 -6.17
C PRO A 22 -11.08 -5.58 -5.31
N PRO A 23 -11.98 -6.48 -4.92
CA PRO A 23 -13.09 -6.10 -4.04
C PRO A 23 -12.57 -5.67 -2.65
N LEU A 24 -13.16 -4.68 -2.01
CA LEU A 24 -12.91 -4.43 -0.61
C LEU A 24 -13.02 -5.77 0.20
N PRO A 25 -12.13 -6.00 1.17
CA PRO A 25 -12.19 -7.27 1.92
C PRO A 25 -13.26 -7.29 3.05
N TYR A 26 -14.27 -6.42 2.96
CA TYR A 26 -15.27 -6.18 4.00
C TYR A 26 -16.24 -5.21 3.35
N ASN A 27 -17.41 -5.05 3.95
CA ASN A 27 -18.35 -4.12 3.43
C ASN A 27 -17.83 -2.72 3.75
N TYR A 28 -18.44 -1.77 3.09
CA TYR A 28 -17.98 -0.39 3.12
C TYR A 28 -18.19 0.37 4.40
N ASP A 29 -19.03 -0.12 5.29
CA ASP A 29 -19.08 0.52 6.59
C ASP A 29 -18.38 -0.32 7.65
N ALA A 30 -17.60 -1.31 7.23
CA ALA A 30 -16.96 -2.21 8.14
C ALA A 30 -15.95 -1.50 9.04
N LEU A 31 -15.40 -0.37 8.59
CA LEU A 31 -14.37 0.32 9.32
C LEU A 31 -14.85 1.52 10.10
N GLU A 32 -16.15 1.80 10.05
CA GLU A 32 -16.75 2.83 10.89
C GLU A 32 -16.53 2.57 12.40
N PRO A 33 -16.42 3.62 13.21
CA PRO A 33 -16.47 5.01 12.85
C PRO A 33 -15.08 5.57 12.44
N ILE A 34 -14.07 4.69 12.28
CA ILE A 34 -12.68 5.18 12.04
C ILE A 34 -12.52 5.67 10.61
N ILE A 35 -13.00 4.88 9.68
CA ILE A 35 -13.03 5.29 8.32
C ILE A 35 -14.43 5.08 7.80
N SER A 36 -14.98 6.14 7.22
CA SER A 36 -16.36 6.17 6.79
C SER A 36 -16.62 5.33 5.56
N ALA A 37 -17.85 4.83 5.45
CA ALA A 37 -18.28 4.22 4.24
C ALA A 37 -18.01 5.12 3.07
N GLU A 38 -18.27 6.40 3.24
CA GLU A 38 -18.10 7.38 2.21
C GLU A 38 -16.63 7.40 1.77
N THR A 39 -15.74 7.50 2.75
CA THR A 39 -14.32 7.43 2.42
C THR A 39 -14.00 6.14 1.69
N LEU A 40 -14.52 5.01 2.16
CA LEU A 40 -14.28 3.78 1.44
C LEU A 40 -14.77 3.80 0.00
N ARG A 41 -15.93 4.41 -0.22
CA ARG A 41 -16.50 4.50 -1.59
C ARG A 41 -15.58 5.34 -2.49
N TYR A 42 -15.23 6.54 -2.01
CA TYR A 42 -14.34 7.38 -2.83
C TYR A 42 -12.99 6.71 -2.98
N HIS A 43 -12.44 6.26 -1.85
CA HIS A 43 -11.08 5.81 -1.81
C HIS A 43 -10.91 4.53 -2.61
N HIS A 44 -11.86 3.59 -2.45
CA HIS A 44 -11.70 2.37 -3.13
C HIS A 44 -12.19 2.43 -4.55
N ASP A 45 -13.38 2.97 -4.75
CA ASP A 45 -14.07 2.77 -6.01
C ASP A 45 -13.69 3.88 -6.94
N LYS A 46 -13.07 4.95 -6.42
CA LYS A 46 -12.65 6.01 -7.32
C LYS A 46 -11.15 6.17 -7.36
N HIS A 47 -10.54 6.41 -6.21
CA HIS A 47 -9.06 6.63 -6.25
C HIS A 47 -8.36 5.36 -6.61
N HIS A 48 -8.64 4.23 -5.92
CA HIS A 48 -7.93 3.01 -6.20
C HIS A 48 -8.20 2.60 -7.66
N LEU A 49 -9.47 2.63 -8.03
CA LEU A 49 -9.85 2.36 -9.42
C LEU A 49 -8.99 3.21 -10.41
N GLY A 50 -8.88 4.50 -10.18
CA GLY A 50 -8.07 5.43 -11.01
C GLY A 50 -6.65 4.92 -11.17
N TYR A 51 -6.00 4.49 -10.09
CA TYR A 51 -4.64 3.89 -10.23
C TYR A 51 -4.61 2.61 -11.06
N VAL A 52 -5.57 1.73 -10.84
CA VAL A 52 -5.69 0.57 -11.67
C VAL A 52 -5.80 1.02 -13.14
N ASN A 53 -6.67 1.98 -13.40
CA ASN A 53 -6.94 2.38 -14.78
C ASN A 53 -5.68 3.05 -15.35
N GLY A 54 -5.03 3.84 -14.52
CA GLY A 54 -3.82 4.57 -14.97
C GLY A 54 -2.75 3.57 -15.30
N ALA A 55 -2.60 2.50 -14.51
CA ALA A 55 -1.64 1.43 -14.75
C ALA A 55 -1.97 0.76 -16.09
N ASN A 56 -3.23 0.39 -16.24
CA ASN A 56 -3.64 -0.19 -17.52
C ASN A 56 -3.45 0.70 -18.73
N ALA A 57 -3.68 2.00 -18.59
CA ALA A 57 -3.48 2.90 -19.70
C ALA A 57 -2.01 2.95 -20.14
N ALA A 58 -1.09 2.81 -19.18
CA ALA A 58 0.35 2.72 -19.56
C ALA A 58 0.54 1.48 -20.34
N LEU A 59 -0.01 0.36 -19.85
CA LEU A 59 0.16 -0.94 -20.47
C LEU A 59 -0.40 -0.85 -21.90
N ASP A 60 -1.46 -0.11 -22.07
CA ASP A 60 -2.05 0.04 -23.39
C ASP A 60 -1.09 0.73 -24.37
N LYS A 61 -0.43 1.78 -23.89
CA LYS A 61 0.55 2.48 -24.73
C LYS A 61 1.71 1.57 -25.08
N LEU A 62 2.22 0.80 -24.10
CA LEU A 62 3.30 -0.10 -24.31
C LEU A 62 2.97 -1.17 -25.38
N GLU A 63 1.83 -1.79 -25.17
CA GLU A 63 1.34 -2.81 -26.07
C GLU A 63 1.21 -2.30 -27.49
N LYS A 64 0.61 -1.13 -27.65
CA LYS A 64 0.33 -0.53 -28.95
C LYS A 64 1.66 -0.23 -29.66
N TYR A 65 2.57 0.40 -28.90
CA TYR A 65 3.93 0.54 -29.37
C TYR A 65 4.57 -0.79 -29.80
N LEU A 66 4.53 -1.80 -28.96
CA LEU A 66 5.23 -3.08 -29.21
C LEU A 66 4.61 -3.91 -30.32
N ASN A 67 3.32 -3.74 -30.52
CA ASN A 67 2.61 -4.44 -31.59
C ASN A 67 2.52 -3.56 -32.83
N GLY A 68 3.16 -2.40 -32.80
CA GLY A 68 3.35 -1.58 -33.97
C GLY A 68 2.23 -0.62 -34.34
N GLN A 69 1.26 -0.43 -33.45
CA GLN A 69 0.18 0.54 -33.66
C GLN A 69 0.57 1.98 -33.33
N LEU A 70 1.46 2.15 -32.36
CA LEU A 70 2.15 3.39 -32.04
CA LEU A 70 1.85 3.54 -32.03
C LEU A 70 3.56 3.25 -32.54
C LEU A 70 2.83 4.27 -33.01
N THR A 71 3.96 4.28 -33.23
N THR A 71 4.03 3.70 -33.17
CA THR A 71 5.22 4.32 -33.89
CA THR A 71 5.25 4.25 -33.88
C THR A 71 6.31 4.58 -32.84
N ASP A 72 6.15 5.67 -32.11
CA ASP A 72 7.06 5.98 -31.04
C ASP A 72 6.33 6.00 -29.69
N ILE A 73 7.08 5.72 -28.65
CA ILE A 73 6.52 5.80 -27.30
C ILE A 73 7.53 6.62 -26.52
N ASP A 74 7.01 7.37 -25.55
CA ASP A 74 7.86 8.08 -24.61
C ASP A 74 8.05 7.11 -23.50
N VAL A 75 9.18 6.42 -23.51
CA VAL A 75 9.36 5.29 -22.62
C VAL A 75 9.44 5.84 -21.17
N ARG A 76 10.04 7.01 -21.04
CA ARG A 76 10.17 7.59 -19.67
C ARG A 76 8.75 7.86 -19.14
N ALA A 77 7.92 8.47 -19.98
CA ALA A 77 6.60 8.90 -19.51
C ALA A 77 5.78 7.67 -19.19
N VAL A 78 5.81 6.67 -20.06
CA VAL A 78 5.03 5.44 -19.82
C VAL A 78 5.52 4.65 -18.61
N SER A 79 6.84 4.61 -18.42
CA SER A 79 7.41 4.01 -17.25
C SER A 79 6.88 4.71 -16.00
N ARG A 80 7.03 6.02 -15.96
CA ARG A 80 6.61 6.81 -14.78
C ARG A 80 5.12 6.55 -14.54
N ASP A 81 4.36 6.58 -15.63
CA ASP A 81 2.90 6.37 -15.51
C ASP A 81 2.61 5.03 -14.96
N PHE A 82 3.25 4.00 -15.51
CA PHE A 82 2.99 2.67 -15.08
C PHE A 82 3.34 2.52 -13.58
N GLU A 83 4.50 3.03 -13.23
CA GLU A 83 5.07 2.76 -11.91
C GLU A 83 4.27 3.51 -10.85
N PHE A 84 3.89 4.73 -11.15
CA PHE A 84 3.11 5.43 -10.17
C PHE A 84 1.78 4.70 -9.94
N ASN A 85 1.15 4.39 -11.05
CA ASN A 85 -0.18 3.77 -10.88
C ASN A 85 -0.16 2.38 -10.42
N TYR A 86 0.81 1.59 -10.84
CA TYR A 86 0.93 0.31 -10.29
C TYR A 86 1.22 0.44 -8.79
N GLY A 87 2.09 1.39 -8.41
CA GLY A 87 2.35 1.58 -6.97
C GLY A 87 1.00 1.84 -6.28
N GLY A 88 0.20 2.73 -6.85
CA GLY A 88 -1.11 3.08 -6.31
C GLY A 88 -1.96 1.84 -6.15
N HIS A 89 -2.00 1.05 -7.19
CA HIS A 89 -2.79 -0.22 -7.10
C HIS A 89 -2.34 -1.18 -6.03
N ILE A 90 -1.05 -1.48 -5.98
CA ILE A 90 -0.57 -2.47 -5.11
C ILE A 90 -0.63 -2.00 -3.68
N LEU A 91 -0.34 -0.72 -3.47
CA LEU A 91 -0.35 -0.21 -2.11
C LEU A 91 -1.78 -0.09 -1.60
N HIS A 92 -2.73 0.25 -2.45
CA HIS A 92 -4.12 0.31 -1.96
C HIS A 92 -4.59 -1.07 -1.66
N THR A 93 -4.27 -1.99 -2.56
CA THR A 93 -4.62 -3.38 -2.33
C THR A 93 -4.14 -3.88 -0.97
N LEU A 94 -2.89 -3.61 -0.64
CA LEU A 94 -2.32 -3.90 0.69
C LEU A 94 -3.09 -3.18 1.77
N TYR A 95 -3.21 -1.88 1.60
CA TYR A 95 -3.93 -1.07 2.57
C TYR A 95 -5.28 -1.68 2.97
N TRP A 96 -6.12 -2.03 2.00
CA TRP A 96 -7.45 -2.60 2.37
C TRP A 96 -7.32 -3.88 3.13
N LEU A 97 -6.37 -4.72 2.69
CA LEU A 97 -6.16 -6.07 3.27
C LEU A 97 -5.66 -5.95 4.69
N ASN A 98 -4.95 -4.88 4.97
CA ASN A 98 -4.37 -4.66 6.25
C ASN A 98 -5.38 -4.19 7.32
N MET A 99 -6.61 -3.92 6.91
CA MET A 99 -7.62 -3.47 7.81
C MET A 99 -8.74 -4.53 7.98
N ALA A 100 -9.44 -4.42 9.09
CA ALA A 100 -10.51 -5.36 9.40
C ALA A 100 -11.50 -4.58 10.24
N PRO A 101 -12.80 -4.93 10.12
CA PRO A 101 -13.88 -4.29 10.88
C PRO A 101 -13.44 -3.86 12.27
N LYS A 102 -13.93 -2.69 12.70
CA LYS A 102 -13.51 -2.06 13.95
C LYS A 102 -13.53 -3.06 15.10
N GLY A 103 -14.51 -3.96 15.06
CA GLY A 103 -14.55 -5.07 16.00
C GLY A 103 -13.30 -5.92 15.87
N LYS A 104 -13.20 -6.59 14.72
CA LYS A 104 -12.26 -7.69 14.51
C LYS A 104 -10.76 -7.35 14.54
N GLY A 105 -10.32 -6.34 13.77
CA GLY A 105 -8.90 -5.96 13.71
C GLY A 105 -8.48 -5.17 14.93
N GLY A 106 -7.28 -4.61 14.92
CA GLY A 106 -6.84 -3.66 15.94
C GLY A 106 -5.99 -4.33 16.99
N GLY A 107 -5.77 -3.61 18.08
CA GLY A 107 -4.99 -4.12 19.21
C GLY A 107 -3.54 -4.38 18.86
N THR A 108 -2.89 -5.25 19.63
CA THR A 108 -1.48 -5.44 19.39
C THR A 108 -1.21 -6.82 18.77
N PRO A 109 -0.19 -6.94 17.89
CA PRO A 109 0.11 -8.18 17.19
C PRO A 109 0.71 -9.23 18.09
N GLY A 110 0.31 -10.46 17.86
CA GLY A 110 0.99 -11.65 18.44
C GLY A 110 1.63 -12.38 17.29
N GLY A 111 2.00 -13.66 17.51
CA GLY A 111 2.62 -14.48 16.45
C GLY A 111 4.03 -13.98 16.08
N ALA A 112 4.52 -14.41 14.92
CA ALA A 112 5.89 -14.10 14.53
C ALA A 112 6.04 -12.57 14.36
N ILE A 113 4.98 -11.95 13.81
CA ILE A 113 5.03 -10.50 13.53
C ILE A 113 5.17 -9.67 14.80
N GLY A 114 4.38 -9.99 15.83
CA GLY A 114 4.48 -9.34 17.09
C GLY A 114 5.87 -9.48 17.66
N ASP A 115 6.43 -10.69 17.59
CA ASP A 115 7.78 -10.93 18.07
C ASP A 115 8.82 -10.18 17.23
N ALA A 116 8.60 -10.22 15.92
CA ALA A 116 9.50 -9.49 15.02
C ALA A 116 9.49 -7.99 15.34
N ILE A 117 8.31 -7.43 15.59
CA ILE A 117 8.22 -6.02 15.98
C ILE A 117 8.95 -5.76 17.28
N ASN A 118 8.72 -6.62 18.29
CA ASN A 118 9.51 -6.44 19.48
C ASN A 118 11.02 -6.52 19.22
N LYS A 119 11.44 -7.48 18.41
CA LYS A 119 12.87 -7.64 18.12
C LYS A 119 13.48 -6.39 17.46
N PHE A 120 12.76 -5.84 16.48
CA PHE A 120 13.38 -4.80 15.66
C PHE A 120 13.08 -3.37 16.13
N PHE A 121 12.05 -3.21 16.95
CA PHE A 121 11.74 -1.87 17.48
C PHE A 121 11.70 -1.80 19.01
N GLY A 122 11.89 -2.94 19.64
CA GLY A 122 12.03 -2.95 21.10
C GLY A 122 10.73 -3.36 21.76
N SER A 123 9.64 -2.74 21.30
CA SER A 123 8.29 -3.01 21.82
C SER A 123 7.30 -2.60 20.78
N PHE A 124 6.08 -3.12 20.88
CA PHE A 124 5.01 -2.63 20.05
C PHE A 124 4.79 -1.12 20.17
N ASP A 125 4.90 -0.59 21.38
CA ASP A 125 4.68 0.85 21.60
C ASP A 125 5.75 1.72 20.93
N LYS A 126 7.01 1.29 20.99
CA LYS A 126 8.08 2.01 20.32
C LYS A 126 7.89 1.94 18.79
N PHE A 127 7.50 0.78 18.29
CA PHE A 127 7.20 0.62 16.86
C PHE A 127 6.03 1.52 16.50
N LYS A 128 4.93 1.35 17.23
CA LYS A 128 3.74 2.17 16.98
C LYS A 128 4.04 3.67 16.93
N LYS A 129 4.83 4.14 17.88
CA LYS A 129 5.24 5.51 17.88
C LYS A 129 6.06 5.90 16.67
N LEU A 130 7.01 5.06 16.31
CA LEU A 130 7.89 5.46 15.21
C LEU A 130 7.09 5.30 13.92
N PHE A 131 6.33 4.24 13.81
CA PHE A 131 5.54 4.03 12.60
C PHE A 131 4.50 5.15 12.40
N GLY A 132 3.77 5.47 13.47
CA GLY A 132 2.88 6.62 13.46
C GLY A 132 3.55 7.89 13.06
N ASP A 133 4.74 8.15 13.59
CA ASP A 133 5.43 9.34 13.22
C ASP A 133 5.87 9.29 11.75
N ALA A 134 6.22 8.11 11.26
CA ALA A 134 6.67 7.96 9.85
C ALA A 134 5.47 8.32 8.97
N ALA A 135 4.29 7.88 9.36
CA ALA A 135 3.06 8.14 8.55
C ALA A 135 2.72 9.62 8.64
N LYS A 136 2.77 10.16 9.85
CA LYS A 136 2.31 11.52 10.05
C LYS A 136 3.27 12.47 9.36
N ASN A 137 4.53 12.05 9.19
CA ASN A 137 5.54 12.89 8.68
C ASN A 137 5.95 12.54 7.27
N VAL A 138 5.06 11.86 6.55
CA VAL A 138 5.26 11.80 5.10
C VAL A 138 5.05 13.23 4.62
N GLU A 139 6.02 13.75 3.85
CA GLU A 139 5.96 15.12 3.38
C GLU A 139 5.13 15.09 2.11
N GLY A 140 4.02 15.77 2.13
CA GLY A 140 3.18 15.69 0.96
C GLY A 140 2.23 14.52 1.13
N VAL A 141 2.09 13.66 0.14
CA VAL A 141 1.22 12.49 0.28
C VAL A 141 2.03 11.30 0.03
N GLY A 142 1.57 10.17 0.56
CA GLY A 142 2.31 8.92 0.38
C GLY A 142 1.81 7.93 1.40
N TRP A 143 2.75 7.20 1.95
CA TRP A 143 2.43 5.98 2.73
C TRP A 143 3.52 5.84 3.77
N ALA A 144 3.14 5.16 4.86
CA ALA A 144 4.18 4.55 5.70
C ALA A 144 3.97 3.07 5.56
N ILE A 145 5.07 2.32 5.54
CA ILE A 145 5.03 0.94 5.29
C ILE A 145 5.93 0.20 6.29
N LEU A 146 5.42 -0.89 6.87
CA LEU A 146 6.26 -1.77 7.67
C LEU A 146 6.64 -2.85 6.68
N ALA A 147 7.92 -2.99 6.40
CA ALA A 147 8.38 -3.92 5.42
C ALA A 147 9.34 -4.94 6.01
N TYR A 148 9.41 -6.05 5.31
CA TYR A 148 10.38 -7.09 5.60
C TYR A 148 11.56 -6.91 4.64
N ASP A 149 12.78 -6.85 5.17
CA ASP A 149 13.96 -6.75 4.34
C ASP A 149 14.55 -8.16 4.10
N PRO A 150 14.33 -8.74 2.92
CA PRO A 150 14.87 -10.11 2.67
C PRO A 150 16.37 -10.23 2.84
N VAL A 151 17.11 -9.13 2.71
CA VAL A 151 18.55 -9.20 2.79
C VAL A 151 18.94 -9.55 4.20
N THR A 152 18.24 -8.98 5.17
CA THR A 152 18.72 -9.06 6.52
C THR A 152 17.82 -9.89 7.39
N GLY A 153 16.59 -10.02 6.95
CA GLY A 153 15.51 -10.49 7.80
C GLY A 153 14.96 -9.44 8.76
N ASP A 154 15.49 -8.21 8.73
CA ASP A 154 15.01 -7.10 9.60
C ASP A 154 13.67 -6.56 9.07
N LEU A 155 12.79 -6.14 9.99
CA LEU A 155 11.70 -5.24 9.62
C LEU A 155 12.29 -3.91 9.40
N ARG A 156 11.72 -3.14 8.46
CA ARG A 156 12.16 -1.76 8.25
C ARG A 156 10.90 -0.94 8.06
N ILE A 157 10.91 0.24 8.63
CA ILE A 157 9.82 1.20 8.36
C ILE A 157 10.24 2.02 7.13
N LEU A 158 9.34 2.10 6.17
CA LEU A 158 9.58 2.93 5.00
C LEU A 158 8.60 4.08 4.95
N GLN A 159 9.03 5.17 4.31
CA GLN A 159 8.02 6.06 3.77
C GLN A 159 7.94 5.90 2.28
N VAL A 160 6.81 6.30 1.76
CA VAL A 160 6.68 6.38 0.33
C VAL A 160 6.09 7.74 0.07
N GLU A 161 6.62 8.48 -0.91
CA GLU A 161 5.89 9.69 -1.33
C GLU A 161 5.24 9.43 -2.66
N LYS A 162 4.06 10.02 -2.88
CA LYS A 162 3.16 9.50 -3.95
C LYS A 162 3.07 7.98 -3.73
N HIS A 163 3.08 7.15 -4.78
CA HIS A 163 3.12 5.73 -4.58
C HIS A 163 4.44 5.18 -4.99
N ASN A 164 5.36 6.10 -5.40
CA ASN A 164 6.53 5.60 -6.09
C ASN A 164 7.67 6.57 -6.04
N ASN A 165 7.80 7.28 -4.92
CA ASN A 165 8.98 8.06 -4.66
C ASN A 165 9.42 7.63 -3.26
N VAL A 166 10.72 7.75 -3.05
CA VAL A 166 11.43 7.42 -1.77
C VAL A 166 11.57 5.90 -1.59
N VAL A 167 10.48 5.17 -1.84
CA VAL A 167 10.51 3.69 -1.72
C VAL A 167 11.45 3.08 -2.74
N THR A 168 11.91 1.87 -2.43
CA THR A 168 12.74 1.19 -3.38
C THR A 168 12.26 -0.24 -3.38
N THR A 169 12.95 -1.03 -4.19
CA THR A 169 12.59 -2.36 -4.46
C THR A 169 13.12 -3.36 -3.37
N ASN A 170 12.74 -4.61 -3.53
CA ASN A 170 13.24 -5.75 -2.76
C ASN A 170 12.62 -5.86 -1.36
N LEU A 171 12.56 -4.75 -0.67
CA LEU A 171 11.74 -4.66 0.57
C LEU A 171 10.34 -5.15 0.31
N ILE A 172 9.81 -5.94 1.24
CA ILE A 172 8.51 -6.53 1.10
C ILE A 172 7.56 -5.84 2.09
N PRO A 173 6.58 -5.10 1.56
CA PRO A 173 5.70 -4.33 2.43
C PRO A 173 4.79 -5.34 3.11
N LEU A 174 4.60 -5.17 4.41
CA LEU A 174 3.70 -6.03 5.15
C LEU A 174 2.43 -5.29 5.52
N LEU A 175 2.60 -4.02 5.86
CA LEU A 175 1.52 -3.25 6.43
C LEU A 175 1.73 -1.85 5.91
N ALA A 176 0.68 -1.18 5.52
CA ALA A 176 0.85 0.12 4.91
C ALA A 176 -0.29 0.96 5.35
N VAL A 177 -0.02 2.22 5.63
CA VAL A 177 -1.10 3.16 5.89
C VAL A 177 -0.95 4.27 4.84
N ASP A 178 -2.04 4.54 4.16
CA ASP A 178 -2.13 5.65 3.21
C ASP A 178 -2.30 6.94 3.92
N VAL A 179 -1.43 7.90 3.60
CA VAL A 179 -1.62 9.27 4.06
C VAL A 179 -1.72 10.30 2.94
N PHE A 180 -2.14 9.85 1.76
CA PHE A 180 -2.72 10.79 0.90
C PHE A 180 -3.94 11.39 1.57
N GLU A 181 -4.18 12.65 1.32
CA GLU A 181 -5.28 13.31 2.01
C GLU A 181 -6.60 12.62 1.78
N HIS A 182 -6.76 12.03 0.60
CA HIS A 182 -8.07 11.41 0.35
C HIS A 182 -8.36 10.21 1.27
N ALA A 183 -7.35 9.65 1.91
CA ALA A 183 -7.53 8.51 2.79
C ALA A 183 -8.29 9.00 4.02
N TYR A 184 -8.21 10.29 4.31
CA TYR A 184 -8.71 10.76 5.64
C TYR A 184 -9.47 12.01 5.60
N TYR A 185 -9.43 12.73 4.49
CA TYR A 185 -9.93 14.08 4.51
C TYR A 185 -11.42 14.15 4.79
N ILE A 186 -12.16 13.14 4.34
CA ILE A 186 -13.62 13.22 4.53
C ILE A 186 -13.92 13.10 6.01
N ASP A 187 -13.13 12.27 6.70
CA ASP A 187 -13.40 11.86 8.08
C ASP A 187 -12.65 12.72 9.10
N TYR A 188 -11.51 13.28 8.68
CA TYR A 188 -10.58 13.95 9.61
C TYR A 188 -10.12 15.27 9.13
N ARG A 189 -10.57 15.65 7.95
CA ARG A 189 -10.07 16.83 7.32
C ARG A 189 -8.51 16.79 7.33
N ASN A 190 -7.89 17.89 7.72
CA ASN A 190 -6.41 17.97 7.72
C ASN A 190 -5.72 17.14 8.81
N ASP A 191 -6.49 16.55 9.71
CA ASP A 191 -5.92 15.89 10.90
C ASP A 191 -5.44 14.49 10.63
N ARG A 192 -4.38 14.45 9.81
CA ARG A 192 -3.77 13.20 9.49
C ARG A 192 -3.39 12.42 10.73
N ALA A 193 -2.91 13.16 11.72
CA ALA A 193 -2.38 12.51 12.93
C ALA A 193 -3.50 11.70 13.61
N LYS A 194 -4.71 12.27 13.67
CA LYS A 194 -5.79 11.67 14.40
C LYS A 194 -6.26 10.49 13.58
N TYR A 195 -6.22 10.64 12.25
CA TYR A 195 -6.42 9.45 11.41
C TYR A 195 -5.45 8.30 11.63
N VAL A 196 -4.16 8.59 11.60
CA VAL A 196 -3.17 7.53 11.74
C VAL A 196 -3.34 6.86 13.14
N ASP A 197 -3.54 7.71 14.13
CA ASP A 197 -3.76 7.22 15.52
C ASP A 197 -4.90 6.24 15.60
N SER A 198 -6.02 6.54 14.93
CA SER A 198 -7.18 5.65 14.97
C SER A 198 -7.03 4.45 14.07
N TRP A 199 -6.28 4.64 12.98
CA TRP A 199 -6.10 3.56 12.03
C TRP A 199 -5.52 2.32 12.69
N TRP A 200 -4.72 2.51 13.74
CA TRP A 200 -4.23 1.39 14.56
C TRP A 200 -5.29 0.39 14.95
N ASP A 201 -6.49 0.89 15.19
CA ASP A 201 -7.61 0.03 15.65
C ASP A 201 -8.25 -0.78 14.56
N LEU A 202 -7.83 -0.53 13.31
CA LEU A 202 -8.36 -1.28 12.18
C LEU A 202 -7.42 -2.34 11.70
N ILE A 203 -6.20 -2.34 12.21
CA ILE A 203 -5.19 -3.24 11.62
C ILE A 203 -5.62 -4.69 11.78
N ASN A 204 -5.74 -5.36 10.64
CA ASN A 204 -5.79 -6.79 10.63
C ASN A 204 -4.39 -7.40 10.79
N TRP A 205 -4.02 -7.63 12.04
CA TRP A 205 -2.70 -8.18 12.33
C TRP A 205 -2.48 -9.62 11.83
N ASP A 206 -3.56 -10.33 11.54
CA ASP A 206 -3.46 -11.69 11.02
C ASP A 206 -3.07 -11.63 9.57
N ASP A 207 -3.72 -10.71 8.85
CA ASP A 207 -3.36 -10.41 7.48
C ASP A 207 -1.85 -10.11 7.40
N VAL A 208 -1.38 -9.20 8.25
CA VAL A 208 0.04 -8.80 8.32
C VAL A 208 0.95 -10.01 8.64
N GLU A 209 0.58 -10.70 9.72
CA GLU A 209 1.21 -11.98 10.02
C GLU A 209 1.32 -12.89 8.82
N ALA A 210 0.23 -13.11 8.11
CA ALA A 210 0.21 -14.06 6.99
C ALA A 210 1.16 -13.57 5.92
N ARG A 211 1.16 -12.24 5.70
CA ARG A 211 2.06 -11.68 4.69
C ARG A 211 3.50 -11.84 5.14
N TYR A 212 3.75 -11.61 6.41
CA TYR A 212 5.06 -11.73 6.95
C TYR A 212 5.55 -13.17 6.87
N GLN A 213 4.66 -14.13 7.11
CA GLN A 213 5.03 -15.54 6.94
C GLN A 213 5.47 -15.82 5.52
N LYS A 214 4.66 -15.39 4.55
CA LYS A 214 4.99 -15.45 3.11
C LYS A 214 6.33 -14.79 2.82
N ALA A 215 6.54 -13.59 3.37
CA ALA A 215 7.81 -12.86 3.18
C ALA A 215 9.00 -13.66 3.68
N LEU A 216 8.85 -14.22 4.88
CA LEU A 216 9.90 -15.02 5.52
C LEU A 216 10.33 -16.21 4.67
N ASN A 217 9.38 -16.72 3.88
CA ASN A 217 9.59 -17.86 2.98
C ASN A 217 9.73 -17.51 1.47
N THR A 218 10.00 -16.25 1.16
CA THR A 218 10.36 -15.89 -0.19
C THR A 218 11.87 -16.11 -0.35
N PRO A 219 12.26 -16.68 -1.49
CA PRO A 219 13.69 -16.92 -1.71
C PRO A 219 14.39 -15.57 -1.80
N LYS A 220 15.59 -15.45 -1.24
CA LYS A 220 16.42 -14.26 -1.43
C LYS A 220 16.65 -14.06 -2.92
N LEU A 221 16.05 -13.00 -3.47
CA LEU A 221 16.05 -12.76 -4.90
C LEU A 221 17.36 -12.17 -5.39
N ILE A 222 17.96 -11.34 -4.55
CA ILE A 222 19.13 -10.62 -4.94
C ILE A 222 20.29 -10.95 -4.05
N LEU A 223 20.08 -10.87 -2.73
CA LEU A 223 21.20 -10.81 -1.83
C LEU A 223 20.77 -11.37 -0.50
FE FE B . -5.19 6.28 -1.25
#